data_5W8E
#
_entry.id   5W8E
#
_cell.length_a   91.270
_cell.length_b   91.270
_cell.length_c   98.120
_cell.angle_alpha   90.00
_cell.angle_beta   90.00
_cell.angle_gamma   120.00
#
_symmetry.space_group_name_H-M   'P 32 2 1'
#
loop_
_entity.id
_entity.type
_entity.pdbx_description
1 polymer 'Autoinducer synthase'
2 non-polymer '(2S)-4-({[(2S,3S,4R,5R)-5-(6-amino-9H-purin-9-yl)-3,4-dihydroxytetrahydrofuran-2-yl]methyl}sulfanyl)-2-[(3-methylbutanoyl)amino]butanoic acid'
3 non-polymer 'CHLORIDE ION'
4 non-polymer GLYCEROL
5 non-polymer ADENINE
6 water water
#
_entity_poly.entity_id   1
_entity_poly.type   'polypeptide(L)'
_entity_poly.pdbx_seq_one_letter_code
;GAMIHAISAVNRHLYEDVLEQHFRLRHDIFVEERHWETLRRPDGREVDSYDDEDTVYLLALEGRRVVGGHRLYPTTKPSM
MSEVFPHLAAVRGCPSDPLIWEWSRYFVVRDRRDGALNLQLMAAVQEFCLDQGIAQVSAIMETWWLPRFHEAGFVVTPLG
LPALVENAWTMAATVDIRRQTLDVLHDRIGMPSIVQQDGPRLDAVARANLCGLAAAQRKSA
;
_entity_poly.pdbx_strand_id   A
#
# COMPACT_ATOMS: atom_id res chain seq x y z
N GLY A 1 10.60 0.02 18.98
CA GLY A 1 10.89 1.48 18.90
C GLY A 1 10.13 2.15 17.78
N ALA A 2 10.75 2.16 16.59
CA ALA A 2 10.15 2.76 15.39
C ALA A 2 8.97 1.94 14.87
N MET A 3 7.87 2.62 14.55
CA MET A 3 6.64 1.95 14.15
C MET A 3 6.14 2.44 12.78
N ILE A 4 5.22 1.66 12.20
CA ILE A 4 4.51 2.08 10.99
C ILE A 4 3.14 2.64 11.40
N HIS A 5 2.91 3.90 11.06
CA HIS A 5 1.70 4.61 11.50
C HIS A 5 0.60 4.54 10.45
N ALA A 6 -0.61 4.19 10.88
CA ALA A 6 -1.78 4.20 10.01
C ALA A 6 -2.43 5.58 9.98
N ILE A 7 -2.40 6.22 8.80
CA ILE A 7 -2.89 7.59 8.66
C ILE A 7 -4.08 7.63 7.70
N SER A 8 -5.18 8.21 8.17
CA SER A 8 -6.43 8.28 7.40
C SER A 8 -7.15 9.60 7.62
N ALA A 9 -8.35 9.71 7.07
CA ALA A 9 -9.17 10.92 7.23
C ALA A 9 -9.42 11.28 8.69
N VAL A 10 -9.62 10.27 9.54
CA VAL A 10 -9.97 10.51 10.96
C VAL A 10 -8.82 10.98 11.86
N ASN A 11 -7.57 10.77 11.43
CA ASN A 11 -6.43 11.16 12.26
C ASN A 11 -5.32 11.95 11.56
N ARG A 12 -5.55 12.34 10.30
CA ARG A 12 -4.52 13.04 9.52
C ARG A 12 -4.20 14.43 10.07
N HIS A 13 -5.09 14.99 10.89
CA HIS A 13 -4.84 16.24 11.58
C HIS A 13 -3.61 16.16 12.50
N LEU A 14 -3.18 14.94 12.80
CA LEU A 14 -1.99 14.70 13.60
C LEU A 14 -0.76 14.39 12.75
N TYR A 15 -0.92 14.43 11.43
CA TYR A 15 0.12 13.95 10.50
C TYR A 15 0.33 14.80 9.25
N GLU A 16 -0.19 16.03 9.24
CA GLU A 16 -0.10 16.84 8.01
C GLU A 16 1.32 17.07 7.52
N ASP A 17 2.23 17.29 8.47
N ASP A 17 2.27 17.29 8.44
CA ASP A 17 3.66 17.43 8.21
CA ASP A 17 3.66 17.48 8.04
C ASP A 17 4.23 16.19 7.53
C ASP A 17 4.32 16.17 7.55
N VAL A 18 3.93 15.05 8.14
CA VAL A 18 4.41 13.74 7.69
C VAL A 18 3.86 13.37 6.30
N LEU A 19 2.58 13.65 6.08
CA LEU A 19 1.95 13.37 4.77
C LEU A 19 2.60 14.14 3.63
N GLU A 20 2.82 15.44 3.83
N GLU A 20 2.84 15.43 3.82
CA GLU A 20 3.47 16.28 2.82
CA GLU A 20 3.45 16.24 2.76
C GLU A 20 4.89 15.80 2.52
C GLU A 20 4.90 15.78 2.50
N GLN A 21 5.61 15.42 3.57
CA GLN A 21 6.95 14.87 3.44
C GLN A 21 6.92 13.58 2.59
N HIS A 22 5.90 12.76 2.77
CA HIS A 22 5.81 11.49 2.02
C HIS A 22 5.41 11.71 0.55
N PHE A 23 4.60 12.72 0.28
CA PHE A 23 4.26 13.06 -1.12
C PHE A 23 5.50 13.49 -1.91
N ARG A 24 6.42 14.18 -1.23
CA ARG A 24 7.67 14.61 -1.86
C ARG A 24 8.65 13.45 -2.02
N LEU A 25 8.71 12.57 -1.02
CA LEU A 25 9.51 11.35 -1.13
C LEU A 25 9.02 10.45 -2.25
N ARG A 26 7.69 10.34 -2.40
CA ARG A 26 7.11 9.61 -3.52
C ARG A 26 7.56 10.18 -4.86
N HIS A 27 7.71 11.50 -4.95
CA HIS A 27 8.22 12.12 -6.17
C HIS A 27 9.70 11.78 -6.39
N ASP A 28 10.51 11.85 -5.34
CA ASP A 28 11.93 11.49 -5.44
C ASP A 28 12.12 10.04 -5.89
N ILE A 29 11.30 9.15 -5.34
CA ILE A 29 11.49 7.71 -5.57
C ILE A 29 10.82 7.23 -6.86
N PHE A 30 9.52 7.46 -6.99
CA PHE A 30 8.78 6.92 -8.13
C PHE A 30 9.02 7.68 -9.43
N VAL A 31 9.17 8.99 -9.34
CA VAL A 31 9.41 9.81 -10.53
C VAL A 31 10.89 9.95 -10.85
N GLU A 32 11.68 10.51 -9.93
CA GLU A 32 13.11 10.78 -10.21
C GLU A 32 13.97 9.53 -10.29
N GLU A 33 13.75 8.57 -9.39
CA GLU A 33 14.55 7.34 -9.37
C GLU A 33 14.04 6.27 -10.34
N ARG A 34 12.76 5.93 -10.24
N ARG A 34 12.76 5.94 -10.26
CA ARG A 34 12.19 4.84 -11.05
CA ARG A 34 12.19 4.85 -11.04
C ARG A 34 11.74 5.28 -12.43
C ARG A 34 11.64 5.29 -12.39
N HIS A 35 11.66 6.59 -12.64
CA HIS A 35 11.25 7.18 -13.93
C HIS A 35 9.81 6.84 -14.36
N TRP A 36 8.88 6.83 -13.41
CA TRP A 36 7.46 6.73 -13.76
C TRP A 36 7.00 8.12 -14.18
N GLU A 37 7.34 8.49 -15.41
CA GLU A 37 7.19 9.86 -15.91
C GLU A 37 5.74 10.35 -15.96
N THR A 38 4.78 9.43 -16.10
CA THR A 38 3.37 9.83 -16.12
C THR A 38 2.93 10.49 -14.81
N LEU A 39 3.71 10.28 -13.74
CA LEU A 39 3.38 10.80 -12.41
C LEU A 39 4.14 12.09 -12.07
N ARG A 40 4.98 12.57 -12.98
CA ARG A 40 5.75 13.79 -12.72
C ARG A 40 4.81 14.98 -12.53
N ARG A 41 5.10 15.80 -11.53
CA ARG A 41 4.32 17.01 -11.27
C ARG A 41 5.25 18.18 -10.94
N PRO A 42 4.89 19.39 -11.40
CA PRO A 42 5.78 20.56 -11.24
C PRO A 42 5.88 21.09 -9.80
N ASP A 43 4.97 20.67 -8.92
CA ASP A 43 5.05 21.02 -7.49
C ASP A 43 5.99 20.09 -6.70
N GLY A 44 6.55 19.08 -7.36
CA GLY A 44 7.45 18.12 -6.71
C GLY A 44 6.75 17.21 -5.72
N ARG A 45 5.43 17.16 -5.81
CA ARG A 45 4.61 16.30 -4.97
C ARG A 45 3.97 15.23 -5.86
N GLU A 46 4.18 13.97 -5.49
CA GLU A 46 3.64 12.86 -6.28
C GLU A 46 2.29 12.46 -5.69
N VAL A 47 1.24 12.97 -6.32
CA VAL A 47 -0.13 12.86 -5.82
C VAL A 47 -1.00 12.51 -7.02
N ASP A 48 -1.76 11.42 -6.95
CA ASP A 48 -2.62 11.02 -8.06
C ASP A 48 -4.10 11.03 -7.69
N SER A 49 -4.95 10.50 -8.57
CA SER A 49 -6.40 10.53 -8.39
C SER A 49 -6.88 9.70 -7.20
N TYR A 50 -5.99 8.86 -6.66
CA TYR A 50 -6.36 7.94 -5.59
C TYR A 50 -5.79 8.37 -4.25
N ASP A 51 -5.27 9.60 -4.22
CA ASP A 51 -4.95 10.29 -2.98
C ASP A 51 -6.11 11.23 -2.66
N ASP A 52 -7.05 10.76 -1.86
CA ASP A 52 -8.20 11.56 -1.47
C ASP A 52 -8.65 11.23 -0.05
N GLU A 53 -9.89 11.58 0.29
CA GLU A 53 -10.46 11.42 1.64
C GLU A 53 -10.47 9.98 2.15
N ASP A 54 -10.52 9.03 1.21
CA ASP A 54 -10.70 7.60 1.57
C ASP A 54 -9.40 6.80 1.59
N THR A 55 -8.29 7.45 1.23
CA THR A 55 -6.98 6.77 1.22
C THR A 55 -6.47 6.55 2.64
N VAL A 56 -5.85 5.40 2.85
CA VAL A 56 -5.16 5.09 4.11
C VAL A 56 -3.67 4.96 3.79
N TYR A 57 -2.84 5.63 4.56
CA TYR A 57 -1.39 5.57 4.37
C TYR A 57 -0.76 4.82 5.53
N LEU A 58 0.09 3.85 5.22
CA LEU A 58 0.86 3.15 6.23
C LEU A 58 2.32 3.58 6.08
N LEU A 59 2.74 4.52 6.94
CA LEU A 59 4.05 5.13 6.81
C LEU A 59 4.99 4.75 7.96
N ALA A 60 6.16 4.24 7.59
CA ALA A 60 7.23 3.94 8.54
C ALA A 60 7.87 5.24 9.01
N LEU A 61 7.80 5.50 10.32
CA LEU A 61 8.35 6.73 10.89
C LEU A 61 9.49 6.46 11.87
N GLU A 62 10.53 7.29 11.77
CA GLU A 62 11.57 7.36 12.78
C GLU A 62 11.54 8.78 13.33
N GLY A 63 10.91 8.94 14.49
CA GLY A 63 10.54 10.26 14.98
C GLY A 63 9.46 10.79 14.06
N ARG A 64 9.78 11.84 13.31
CA ARG A 64 8.86 12.38 12.32
C ARG A 64 9.39 12.22 10.90
N ARG A 65 10.47 11.46 10.75
CA ARG A 65 11.04 11.18 9.44
C ARG A 65 10.36 9.95 8.82
N VAL A 66 9.82 10.11 7.62
CA VAL A 66 9.27 8.99 6.84
C VAL A 66 10.42 8.23 6.19
N VAL A 67 10.54 6.94 6.50
CA VAL A 67 11.61 6.11 5.93
C VAL A 67 11.10 5.02 4.98
N GLY A 68 9.78 4.89 4.89
CA GLY A 68 9.16 3.92 4.01
C GLY A 68 7.66 3.95 4.16
N GLY A 69 6.97 3.17 3.33
CA GLY A 69 5.54 3.11 3.43
C GLY A 69 4.85 2.51 2.22
N HIS A 70 3.52 2.50 2.30
CA HIS A 70 2.63 2.12 1.20
C HIS A 70 1.25 2.70 1.49
N ARG A 71 0.31 2.53 0.56
CA ARG A 71 -1.04 3.06 0.74
C ARG A 71 -2.12 2.07 0.35
N LEU A 72 -3.30 2.26 0.93
CA LEU A 72 -4.47 1.45 0.63
C LEU A 72 -5.64 2.34 0.24
N TYR A 73 -6.43 1.87 -0.71
CA TYR A 73 -7.56 2.60 -1.28
CA TYR A 73 -7.62 2.59 -1.12
C TYR A 73 -8.74 1.64 -1.51
N PRO A 74 -10.00 2.10 -1.33
CA PRO A 74 -11.14 1.19 -1.52
C PRO A 74 -11.33 0.72 -2.94
N THR A 75 -11.79 -0.52 -3.11
CA THR A 75 -12.12 -1.03 -4.45
C THR A 75 -13.58 -0.77 -4.80
N THR A 76 -14.31 -0.14 -3.87
CA THR A 76 -15.72 0.20 -4.06
C THR A 76 -15.89 1.56 -4.76
N LYS A 77 -14.78 2.28 -4.91
CA LYS A 77 -14.68 3.49 -5.75
C LYS A 77 -13.87 3.11 -6.98
N PRO A 78 -13.96 3.91 -8.07
CA PRO A 78 -12.99 3.73 -9.17
C PRO A 78 -11.54 3.74 -8.64
N SER A 79 -10.75 2.78 -9.10
CA SER A 79 -9.38 2.59 -8.61
C SER A 79 -8.41 2.53 -9.78
N MET A 80 -7.11 2.51 -9.50
CA MET A 80 -6.14 2.41 -10.59
C MET A 80 -6.36 1.12 -11.40
N MET A 81 -6.60 0.01 -10.70
CA MET A 81 -6.83 -1.24 -11.41
C MET A 81 -8.07 -1.16 -12.30
N SER A 82 -9.18 -0.65 -11.76
CA SER A 82 -10.45 -0.63 -12.50
C SER A 82 -10.48 0.40 -13.63
N GLU A 83 -9.78 1.52 -13.44
CA GLU A 83 -9.77 2.62 -14.40
C GLU A 83 -8.63 2.55 -15.41
N VAL A 84 -7.41 2.27 -14.93
CA VAL A 84 -6.23 2.34 -15.77
C VAL A 84 -5.82 0.98 -16.36
N PHE A 85 -5.88 -0.07 -15.53
CA PHE A 85 -5.40 -1.39 -15.97
C PHE A 85 -6.43 -2.53 -15.88
N PRO A 86 -7.70 -2.30 -16.29
CA PRO A 86 -8.68 -3.37 -16.07
C PRO A 86 -8.38 -4.63 -16.89
N HIS A 87 -7.68 -4.46 -18.01
CA HIS A 87 -7.31 -5.58 -18.88
C HIS A 87 -6.36 -6.58 -18.20
N LEU A 88 -5.60 -6.09 -17.23
CA LEU A 88 -4.70 -6.95 -16.45
C LEU A 88 -5.45 -7.91 -15.51
N ALA A 89 -6.72 -7.62 -15.25
CA ALA A 89 -7.54 -8.45 -14.36
C ALA A 89 -8.70 -9.12 -15.11
N ALA A 90 -8.53 -9.31 -16.42
CA ALA A 90 -9.62 -9.78 -17.29
C ALA A 90 -10.02 -11.24 -17.05
N VAL A 91 -9.08 -12.07 -16.62
CA VAL A 91 -9.38 -13.50 -16.40
C VAL A 91 -10.32 -13.70 -15.21
N ARG A 92 -9.97 -13.14 -14.05
CA ARG A 92 -10.75 -13.35 -12.83
C ARG A 92 -11.72 -12.20 -12.54
N GLY A 93 -11.44 -11.03 -13.11
CA GLY A 93 -12.26 -9.84 -12.87
C GLY A 93 -11.65 -8.88 -11.87
N CYS A 94 -11.96 -7.61 -12.04
N CYS A 94 -11.92 -7.60 -12.06
CA CYS A 94 -11.49 -6.58 -11.14
CA CYS A 94 -11.49 -6.55 -11.13
C CYS A 94 -12.30 -6.58 -9.84
C CYS A 94 -12.29 -6.65 -9.84
N PRO A 95 -11.62 -6.61 -8.68
CA PRO A 95 -12.31 -6.65 -7.38
C PRO A 95 -13.15 -5.41 -7.12
N SER A 96 -14.29 -5.59 -6.45
CA SER A 96 -15.13 -4.49 -6.00
C SER A 96 -15.85 -4.95 -4.74
N ASP A 97 -15.31 -4.59 -3.58
CA ASP A 97 -15.77 -5.14 -2.30
C ASP A 97 -15.19 -4.30 -1.16
N PRO A 98 -16.03 -3.94 -0.15
CA PRO A 98 -15.53 -3.23 1.03
C PRO A 98 -14.43 -4.02 1.75
N LEU A 99 -14.41 -5.33 1.56
CA LEU A 99 -13.43 -6.21 2.20
C LEU A 99 -12.16 -6.44 1.37
N ILE A 100 -12.08 -5.79 0.21
CA ILE A 100 -10.86 -5.82 -0.63
C ILE A 100 -10.39 -4.40 -0.88
N TRP A 101 -9.16 -4.09 -0.48
CA TRP A 101 -8.59 -2.77 -0.70
C TRP A 101 -7.39 -2.85 -1.63
N GLU A 102 -7.19 -1.82 -2.44
CA GLU A 102 -6.08 -1.82 -3.41
C GLU A 102 -4.81 -1.27 -2.76
N TRP A 103 -3.72 -2.01 -2.92
CA TRP A 103 -2.44 -1.75 -2.23
C TRP A 103 -1.46 -1.20 -3.27
N SER A 104 -0.75 -0.13 -2.90
CA SER A 104 0.09 0.60 -3.87
C SER A 104 1.18 1.46 -3.25
N ARG A 105 2.06 1.98 -4.11
CA ARG A 105 3.14 2.89 -3.74
C ARG A 105 4.06 2.39 -2.61
N TYR A 106 4.50 1.14 -2.73
CA TYR A 106 5.42 0.54 -1.76
C TYR A 106 6.80 1.13 -1.97
N PHE A 107 7.36 1.74 -0.93
CA PHE A 107 8.70 2.35 -1.03
C PHE A 107 9.50 2.23 0.26
N VAL A 108 10.82 2.25 0.10
CA VAL A 108 11.78 2.30 1.21
C VAL A 108 12.85 3.31 0.80
N VAL A 109 13.13 4.29 1.66
CA VAL A 109 14.19 5.27 1.36
C VAL A 109 15.55 4.57 1.27
N ARG A 110 16.46 5.13 0.48
CA ARG A 110 17.77 4.51 0.22
C ARG A 110 18.50 4.09 1.49
N ASP A 111 18.49 4.95 2.50
CA ASP A 111 19.19 4.72 3.77
C ASP A 111 18.72 3.47 4.53
N ARG A 112 17.52 2.99 4.20
CA ARG A 112 16.92 1.90 4.96
C ARG A 112 16.66 0.65 4.12
N ARG A 113 17.18 0.63 2.90
CA ARG A 113 17.02 -0.53 2.03
C ARG A 113 17.95 -1.65 2.47
N ASP A 114 17.57 -2.89 2.14
N ASP A 114 17.56 -2.89 2.16
CA ASP A 114 18.33 -4.10 2.49
CA ASP A 114 18.34 -4.09 2.49
C ASP A 114 18.58 -4.24 3.98
C ASP A 114 18.59 -4.23 3.99
N GLY A 115 17.58 -3.88 4.78
CA GLY A 115 17.66 -3.96 6.24
C GLY A 115 16.40 -4.58 6.82
N ALA A 116 16.09 -4.21 8.06
CA ALA A 116 14.93 -4.76 8.77
C ALA A 116 13.60 -4.17 8.31
N LEU A 117 13.63 -2.96 7.75
CA LEU A 117 12.40 -2.24 7.43
C LEU A 117 11.50 -2.97 6.45
N ASN A 118 12.10 -3.59 5.43
CA ASN A 118 11.28 -4.22 4.39
C ASN A 118 10.28 -5.24 4.92
N LEU A 119 10.75 -6.16 5.77
CA LEU A 119 9.86 -7.18 6.30
C LEU A 119 8.81 -6.60 7.25
N GLN A 120 9.15 -5.49 7.92
CA GLN A 120 8.20 -4.75 8.76
C GLN A 120 7.06 -4.17 7.94
N LEU A 121 7.39 -3.63 6.76
CA LEU A 121 6.38 -3.10 5.84
C LEU A 121 5.46 -4.20 5.33
N MET A 122 6.02 -5.38 5.10
CA MET A 122 5.22 -6.54 4.68
C MET A 122 4.27 -6.97 5.79
N ALA A 123 4.76 -7.01 7.04
CA ALA A 123 3.92 -7.34 8.18
C ALA A 123 2.82 -6.29 8.38
N ALA A 124 3.16 -5.03 8.10
CA ALA A 124 2.24 -3.91 8.33
C ALA A 124 0.92 -4.01 7.57
N VAL A 125 0.98 -4.39 6.28
CA VAL A 125 -0.26 -4.50 5.49
C VAL A 125 -1.14 -5.62 6.05
N GLN A 126 -0.52 -6.73 6.44
CA GLN A 126 -1.26 -7.86 7.02
C GLN A 126 -1.86 -7.47 8.38
N GLU A 127 -1.09 -6.77 9.21
CA GLU A 127 -1.56 -6.38 10.55
C GLU A 127 -2.73 -5.40 10.50
N PHE A 128 -2.58 -4.35 9.69
CA PHE A 128 -3.63 -3.35 9.53
C PHE A 128 -4.92 -3.97 9.01
N CYS A 129 -4.82 -4.75 7.93
CA CYS A 129 -6.02 -5.34 7.33
C CYS A 129 -6.71 -6.31 8.27
N LEU A 130 -5.94 -7.15 8.97
CA LEU A 130 -6.54 -8.09 9.91
C LEU A 130 -7.30 -7.35 11.01
N ASP A 131 -6.67 -6.31 11.56
CA ASP A 131 -7.31 -5.45 12.57
C ASP A 131 -8.63 -4.86 12.07
N GLN A 132 -8.66 -4.48 10.80
CA GLN A 132 -9.83 -3.85 10.19
C GLN A 132 -10.85 -4.84 9.63
N GLY A 133 -10.50 -6.13 9.61
CA GLY A 133 -11.37 -7.14 9.05
C GLY A 133 -11.40 -7.12 7.53
N ILE A 134 -10.38 -6.51 6.92
CA ILE A 134 -10.19 -6.56 5.47
C ILE A 134 -9.64 -7.95 5.10
N ALA A 135 -10.28 -8.61 4.15
CA ALA A 135 -9.98 -10.01 3.80
C ALA A 135 -8.86 -10.17 2.77
N GLN A 136 -8.79 -9.23 1.83
CA GLN A 136 -7.79 -9.31 0.75
C GLN A 136 -7.30 -7.91 0.37
N VAL A 137 -6.10 -7.85 -0.18
CA VAL A 137 -5.65 -6.65 -0.89
C VAL A 137 -5.38 -6.98 -2.36
N SER A 138 -5.64 -6.02 -3.24
CA SER A 138 -5.37 -6.21 -4.66
C SER A 138 -4.25 -5.27 -5.06
N ALA A 139 -3.53 -5.63 -6.13
CA ALA A 139 -2.43 -4.79 -6.58
C ALA A 139 -2.19 -4.93 -8.08
N ILE A 140 -1.77 -3.84 -8.71
CA ILE A 140 -1.05 -3.89 -9.97
C ILE A 140 0.42 -3.86 -9.57
N MET A 141 1.19 -4.84 -10.01
CA MET A 141 2.57 -4.97 -9.57
C MET A 141 3.52 -5.47 -10.66
N GLU A 142 4.77 -5.05 -10.58
CA GLU A 142 5.82 -5.60 -11.42
C GLU A 142 5.96 -7.08 -11.06
N THR A 143 6.25 -7.93 -12.05
CA THR A 143 6.27 -9.39 -11.83
C THR A 143 7.36 -9.85 -10.86
N TRP A 144 8.40 -9.03 -10.67
CA TRP A 144 9.44 -9.35 -9.67
C TRP A 144 8.92 -9.34 -8.23
N TRP A 145 7.70 -8.87 -8.03
CA TRP A 145 7.07 -8.94 -6.71
C TRP A 145 6.71 -10.38 -6.30
N LEU A 146 6.51 -11.26 -7.28
CA LEU A 146 6.06 -12.63 -6.97
C LEU A 146 6.96 -13.38 -5.97
N PRO A 147 8.29 -13.44 -6.22
CA PRO A 147 9.17 -14.12 -5.25
C PRO A 147 9.25 -13.39 -3.91
N ARG A 148 9.08 -12.07 -3.91
CA ARG A 148 9.09 -11.29 -2.67
C ARG A 148 7.85 -11.60 -1.82
N PHE A 149 6.70 -11.67 -2.48
CA PHE A 149 5.46 -12.11 -1.82
C PHE A 149 5.64 -13.51 -1.24
N HIS A 150 6.20 -14.42 -2.03
CA HIS A 150 6.38 -15.80 -1.58
C HIS A 150 7.34 -15.91 -0.38
N GLU A 151 8.43 -15.14 -0.43
CA GLU A 151 9.41 -15.11 0.68
C GLU A 151 8.78 -14.66 2.00
N ALA A 152 7.79 -13.76 1.93
CA ALA A 152 7.08 -13.30 3.11
C ALA A 152 5.87 -14.16 3.50
N GLY A 153 5.66 -15.26 2.77
CA GLY A 153 4.54 -16.16 3.04
C GLY A 153 3.17 -15.67 2.59
N PHE A 154 3.14 -14.63 1.76
CA PHE A 154 1.89 -14.10 1.23
C PHE A 154 1.20 -15.11 0.31
N VAL A 155 -0.11 -15.29 0.49
CA VAL A 155 -0.92 -16.14 -0.38
C VAL A 155 -1.43 -15.29 -1.54
N VAL A 156 -1.01 -15.65 -2.76
CA VAL A 156 -1.21 -14.81 -3.94
C VAL A 156 -2.12 -15.46 -4.99
N THR A 157 -3.09 -14.70 -5.49
CA THR A 157 -3.96 -15.15 -6.56
C THR A 157 -3.87 -14.20 -7.76
N PRO A 158 -3.20 -14.63 -8.85
CA PRO A 158 -3.18 -13.83 -10.08
C PRO A 158 -4.58 -13.62 -10.65
N LEU A 159 -4.83 -12.41 -11.16
CA LEU A 159 -6.15 -12.06 -11.70
C LEU A 159 -6.20 -12.06 -13.23
N GLY A 160 -5.03 -12.08 -13.87
CA GLY A 160 -4.99 -12.07 -15.33
C GLY A 160 -3.63 -12.40 -15.90
N LEU A 161 -3.48 -12.20 -17.19
CA LEU A 161 -2.20 -12.47 -17.85
C LEU A 161 -1.23 -11.33 -17.58
N PRO A 162 0.04 -11.64 -17.28
CA PRO A 162 1.06 -10.59 -17.23
C PRO A 162 1.13 -9.84 -18.56
N ALA A 163 1.48 -8.56 -18.51
CA ALA A 163 1.61 -7.77 -19.73
C ALA A 163 2.64 -6.66 -19.54
N LEU A 164 3.18 -6.19 -20.65
CA LEU A 164 4.13 -5.08 -20.62
C LEU A 164 3.38 -3.78 -20.36
N VAL A 165 3.83 -3.05 -19.35
CA VAL A 165 3.36 -1.71 -19.06
C VAL A 165 4.61 -0.83 -19.06
N GLU A 166 4.69 0.06 -20.03
CA GLU A 166 5.84 0.95 -20.20
C GLU A 166 7.18 0.20 -20.05
N ASN A 167 7.39 -0.83 -20.86
CA ASN A 167 8.62 -1.63 -20.89
C ASN A 167 8.89 -2.56 -19.70
N ALA A 168 7.93 -2.67 -18.79
CA ALA A 168 8.11 -3.53 -17.61
C ALA A 168 6.97 -4.54 -17.52
N TRP A 169 7.34 -5.80 -17.27
CA TRP A 169 6.34 -6.85 -17.11
C TRP A 169 5.55 -6.63 -15.81
N THR A 170 4.23 -6.61 -15.95
CA THR A 170 3.34 -6.16 -14.89
C THR A 170 2.15 -7.11 -14.82
N MET A 171 1.55 -7.24 -13.64
CA MET A 171 0.38 -8.09 -13.48
C MET A 171 -0.57 -7.60 -12.40
N ALA A 172 -1.79 -8.13 -12.41
CA ALA A 172 -2.78 -7.85 -11.38
C ALA A 172 -2.94 -9.08 -10.51
N ALA A 173 -3.03 -8.88 -9.19
CA ALA A 173 -3.15 -10.01 -8.29
C ALA A 173 -3.86 -9.59 -7.01
N THR A 174 -4.42 -10.57 -6.30
CA THR A 174 -4.86 -10.34 -4.92
C THR A 174 -3.96 -11.10 -3.96
N VAL A 175 -3.84 -10.56 -2.75
CA VAL A 175 -3.14 -11.21 -1.66
C VAL A 175 -4.17 -11.51 -0.57
N ASP A 176 -4.20 -12.76 -0.12
CA ASP A 176 -5.07 -13.15 0.99
C ASP A 176 -4.46 -12.66 2.31
N ILE A 177 -5.25 -11.90 3.07
CA ILE A 177 -4.82 -11.48 4.40
C ILE A 177 -5.04 -12.66 5.36
N ARG A 178 -3.98 -13.08 6.05
CA ARG A 178 -4.05 -14.26 6.92
C ARG A 178 -3.41 -14.03 8.28
N ARG A 179 -4.14 -14.39 9.34
CA ARG A 179 -3.57 -14.38 10.69
C ARG A 179 -2.29 -15.25 10.74
N GLN A 180 -2.33 -16.40 10.09
CA GLN A 180 -1.18 -17.32 10.03
C GLN A 180 0.04 -16.66 9.40
N THR A 181 -0.15 -15.97 8.28
CA THR A 181 0.92 -15.22 7.62
C THR A 181 1.50 -14.17 8.56
N LEU A 182 0.61 -13.44 9.24
CA LEU A 182 1.00 -12.36 10.14
C LEU A 182 1.79 -12.89 11.34
N ASP A 183 1.32 -13.98 11.93
CA ASP A 183 1.96 -14.57 13.11
C ASP A 183 3.42 -14.93 12.84
N VAL A 184 3.67 -15.53 11.68
CA VAL A 184 5.03 -15.88 11.25
C VAL A 184 5.88 -14.62 11.03
N LEU A 185 5.30 -13.60 10.41
CA LEU A 185 6.00 -12.34 10.20
C LEU A 185 6.32 -11.61 11.51
N HIS A 186 5.39 -11.65 12.46
CA HIS A 186 5.63 -11.10 13.80
C HIS A 186 6.84 -11.76 14.47
N ASP A 187 6.91 -13.09 14.34
CA ASP A 187 8.07 -13.86 14.84
C ASP A 187 9.37 -13.45 14.16
N ARG A 188 9.30 -13.25 12.84
CA ARG A 188 10.48 -12.90 12.05
C ARG A 188 10.99 -11.48 12.31
N ILE A 189 10.08 -10.54 12.50
CA ILE A 189 10.47 -9.14 12.79
C ILE A 189 10.79 -8.94 14.27
N GLY A 190 10.42 -9.91 15.10
CA GLY A 190 10.71 -9.87 16.54
C GLY A 190 9.87 -8.85 17.30
N MET A 191 8.66 -8.60 16.81
CA MET A 191 7.75 -7.64 17.42
C MET A 191 6.31 -8.15 17.36
N PRO A 192 5.56 -8.04 18.47
CA PRO A 192 4.17 -8.48 18.48
C PRO A 192 3.24 -7.54 17.71
N SER A 193 3.69 -6.29 17.50
CA SER A 193 2.91 -5.26 16.82
C SER A 193 3.80 -4.26 16.07
N ILE A 194 3.47 -3.99 14.81
CA ILE A 194 4.24 -3.06 13.98
C ILE A 194 3.43 -1.81 13.57
N VAL A 195 2.11 -1.90 13.68
CA VAL A 195 1.25 -0.77 13.29
C VAL A 195 0.81 0.04 14.50
N GLN A 196 1.14 1.33 14.48
CA GLN A 196 0.67 2.29 15.46
C GLN A 196 -0.54 3.04 14.92
N GLN A 197 -1.61 3.14 15.71
CA GLN A 197 -2.83 3.84 15.30
C GLN A 197 -3.22 4.90 16.32
N ASP A 198 -2.68 6.11 16.14
CA ASP A 198 -2.94 7.23 17.03
C ASP A 198 -4.17 8.03 16.59
N GLY A 199 -4.79 8.71 17.57
CA GLY A 199 -5.99 9.50 17.30
C GLY A 199 -7.23 8.64 17.25
N PRO A 200 -8.34 9.19 16.72
CA PRO A 200 -9.63 8.51 16.63
C PRO A 200 -9.54 7.19 15.86
N ARG A 201 -10.36 6.23 16.26
CA ARG A 201 -10.44 4.90 15.64
C ARG A 201 -11.00 4.98 14.22
N LEU A 202 -10.29 4.35 13.27
CA LEU A 202 -10.74 4.28 11.90
C LEU A 202 -11.56 3.01 11.65
N ASP A 203 -12.74 3.18 11.05
CA ASP A 203 -13.55 2.04 10.62
C ASP A 203 -13.51 1.97 9.09
N ALA A 204 -12.48 1.30 8.58
CA ALA A 204 -12.24 1.26 7.13
C ALA A 204 -13.36 0.59 6.32
N VAL A 205 -13.86 -0.55 6.80
CA VAL A 205 -14.90 -1.28 6.09
C VAL A 205 -16.20 -0.47 6.00
N ALA A 206 -16.55 0.24 7.08
CA ALA A 206 -17.70 1.16 7.06
C ALA A 206 -17.51 2.27 6.02
N ARG A 207 -16.33 2.88 6.00
CA ARG A 207 -16.02 3.94 5.04
C ARG A 207 -16.09 3.44 3.59
N ALA A 208 -15.64 2.22 3.35
CA ALA A 208 -15.69 1.63 2.00
C ALA A 208 -17.12 1.30 1.57
N ASN A 209 -17.96 0.89 2.52
CA ASN A 209 -19.38 0.68 2.25
C ASN A 209 -20.07 2.00 1.88
N LEU A 210 -19.67 3.09 2.54
CA LEU A 210 -20.22 4.41 2.29
C LEU A 210 -19.91 4.96 0.89
N CYS A 211 -18.64 4.95 0.51
CA CYS A 211 -18.25 5.47 -0.82
C CYS A 211 -18.63 4.53 -1.95
N GLY A 212 -19.02 3.31 -1.60
CA GLY A 212 -19.63 2.38 -2.55
C GLY A 212 -21.03 2.83 -2.97
N LEU A 213 -21.66 3.63 -2.12
CA LEU A 213 -22.98 4.19 -2.40
C LEU A 213 -22.87 5.60 -2.97
#